data_6SHG
#
_entry.id   6SHG
#
_cell.length_a   76.607
_cell.length_b   76.607
_cell.length_c   270.060
_cell.angle_alpha   90.000
_cell.angle_beta   90.000
_cell.angle_gamma   90.000
#
_symmetry.space_group_name_H-M   'P 41 21 2'
#
loop_
_entity.id
_entity.type
_entity.pdbx_description
1 polymer 'Antibody RoAb13 Heavy Chain'
2 polymer 'Antibody RoAb13 Light Chain'
3 water water
#
loop_
_entity_poly.entity_id
_entity_poly.type
_entity_poly.pdbx_seq_one_letter_code
_entity_poly.pdbx_strand_id
1 'polypeptide(L)'
;EVQLQESGGGLVKPGGSLKLSCAASGFTFSTYAMSWVRQTPEKRLEWVASISTGDNTYYTDSVRGRFTISRDNARNILYL
QMSSLRSEDTAMYFCTRGRGDRGDLFGYWGQGTLVTVSSAKTTAPSVYPLAPVCGDTTGSSVTLGCLVKGYFPEPVTLTW
NSGSLSSGVHTFPAVLQSDLYTLSSSVTVTSSTWPSQSITCNVAHPASSTKVDKKIEPRGPTIK
;
H
2 'polypeptide(L)'
;DIVMSQSPSSLAVSVGEKVTMSCKSSQSLLYRGNQMNYLAWYQQKPGQSPKLLIYWASTRESGVPDRFTGSGSGTEFTLT
ISSVKAEDLTVYYCQQYYTYPRTFGGGTKLEIKRADAAPTVSIFPPSSEQLTSGGASVVCFLNNFYPKDINVKWKIDGSE
RQNGVLNSWTDQDSKDSTYSMSSTLTLTKDEYERHNSYTCEATHKTSTSPIVKSFNRGEC
;
L
#
# COMPACT_ATOMS: atom_id res chain seq x y z
N GLU A 1 18.26 2.08 -13.41
CA GLU A 1 19.03 1.32 -14.40
C GLU A 1 19.02 -0.22 -14.15
N VAL A 2 18.64 -0.64 -12.94
CA VAL A 2 18.25 -2.03 -12.68
C VAL A 2 16.74 -2.06 -12.50
N GLN A 3 16.05 -2.64 -13.47
CA GLN A 3 14.61 -2.72 -13.39
C GLN A 3 14.18 -4.18 -13.31
N LEU A 4 13.20 -4.42 -12.44
CA LEU A 4 12.59 -5.73 -12.27
C LEU A 4 11.07 -5.56 -12.36
N GLN A 5 10.45 -6.18 -13.37
CA GLN A 5 9.00 -6.04 -13.57
C GLN A 5 8.28 -7.38 -13.43
N GLU A 6 7.36 -7.43 -12.48
CA GLU A 6 6.55 -8.62 -12.33
C GLU A 6 5.39 -8.63 -13.31
N SER A 7 4.86 -9.82 -13.54
CA SER A 7 3.83 -10.01 -14.54
C SER A 7 2.94 -11.15 -14.06
N GLY A 8 1.67 -11.12 -14.45
CA GLY A 8 0.86 -12.31 -14.39
C GLY A 8 0.25 -12.67 -13.06
N GLY A 9 0.34 -11.81 -12.04
CA GLY A 9 -0.37 -12.10 -10.82
C GLY A 9 -1.88 -12.07 -10.99
N GLY A 10 -2.61 -11.85 -9.90
CA GLY A 10 -4.05 -11.70 -9.98
C GLY A 10 -4.84 -12.58 -9.02
N LEU A 11 -5.82 -13.35 -9.54
CA LEU A 11 -6.68 -14.19 -8.72
C LEU A 11 -6.65 -15.65 -9.17
N VAL A 12 -6.60 -16.55 -8.19
CA VAL A 12 -6.88 -17.95 -8.42
C VAL A 12 -7.84 -18.43 -7.33
N LYS A 13 -8.66 -19.43 -7.66
CA LYS A 13 -9.33 -20.15 -6.61
C LYS A 13 -8.35 -21.10 -5.89
N PRO A 14 -8.67 -21.52 -4.62
CA PRO A 14 -7.76 -22.44 -3.90
C PRO A 14 -7.33 -23.62 -4.74
N GLY A 15 -6.25 -24.30 -4.38
CA GLY A 15 -5.74 -25.42 -5.16
C GLY A 15 -5.38 -25.09 -6.61
N GLY A 16 -5.53 -23.82 -7.00
CA GLY A 16 -5.22 -23.36 -8.35
C GLY A 16 -3.71 -23.28 -8.59
N SER A 17 -3.36 -22.55 -9.66
CA SER A 17 -1.99 -22.49 -10.14
C SER A 17 -1.72 -21.22 -10.94
N LEU A 18 -0.63 -20.54 -10.59
CA LEU A 18 -0.18 -19.30 -11.21
C LEU A 18 1.30 -19.37 -11.55
N LYS A 19 1.65 -18.92 -12.75
CA LYS A 19 3.05 -18.73 -13.12
C LYS A 19 3.38 -17.24 -13.22
N LEU A 20 4.08 -16.72 -12.20
CA LEU A 20 4.56 -15.35 -12.15
C LEU A 20 5.80 -15.16 -13.03
N SER A 21 6.02 -13.92 -13.46
CA SER A 21 7.09 -13.61 -14.41
C SER A 21 7.73 -12.28 -14.08
N CYS A 22 9.01 -12.32 -13.74
CA CYS A 22 9.79 -11.13 -13.42
C CYS A 22 10.79 -10.85 -14.54
N ALA A 23 10.69 -9.68 -15.16
CA ALA A 23 11.39 -9.40 -16.41
C ALA A 23 12.46 -8.33 -16.16
N ALA A 24 13.73 -8.72 -16.29
CA ALA A 24 14.84 -7.87 -15.90
C ALA A 24 15.54 -7.26 -17.11
N SER A 25 15.81 -5.97 -17.01
CA SER A 25 16.72 -5.32 -17.91
C SER A 25 17.76 -4.58 -17.10
N GLY A 26 18.89 -4.33 -17.74
CA GLY A 26 19.86 -3.40 -17.23
C GLY A 26 21.01 -3.95 -16.41
N PHE A 27 21.42 -5.21 -16.64
CA PHE A 27 22.62 -5.76 -16.00
C PHE A 27 22.92 -7.13 -16.60
N THR A 28 24.11 -7.64 -16.29
CA THR A 28 24.53 -8.95 -16.75
C THR A 28 23.69 -10.00 -16.02
N PHE A 29 22.65 -10.51 -16.68
CA PHE A 29 21.61 -11.26 -15.98
C PHE A 29 22.15 -12.53 -15.30
N SER A 30 22.97 -13.31 -16.00
CA SER A 30 23.44 -14.56 -15.43
C SER A 30 24.39 -14.35 -14.25
N THR A 31 24.93 -13.14 -14.05
CA THR A 31 26.01 -13.00 -13.06
C THR A 31 25.49 -12.99 -11.63
N TYR A 32 24.22 -12.61 -11.42
CA TYR A 32 23.65 -12.51 -10.09
C TYR A 32 22.69 -13.67 -9.83
N ALA A 33 22.53 -14.06 -8.57
CA ALA A 33 21.57 -15.09 -8.20
C ALA A 33 20.35 -14.49 -7.50
N MET A 34 19.13 -14.77 -8.02
CA MET A 34 17.88 -14.06 -7.69
C MET A 34 16.98 -14.84 -6.73
N SER A 35 15.82 -14.25 -6.41
CA SER A 35 14.96 -14.76 -5.34
C SER A 35 13.53 -14.20 -5.51
N TRP A 36 12.62 -14.53 -4.55
CA TRP A 36 11.26 -13.98 -4.52
C TRP A 36 10.83 -13.75 -3.08
N VAL A 37 10.16 -12.63 -2.80
CA VAL A 37 9.65 -12.36 -1.45
C VAL A 37 8.20 -11.93 -1.53
N ARG A 38 7.37 -12.43 -0.61
CA ARG A 38 5.97 -12.03 -0.56
C ARG A 38 5.68 -11.26 0.71
N GLN A 39 4.60 -10.47 0.69
CA GLN A 39 4.24 -9.63 1.84
C GLN A 39 2.78 -9.89 2.21
N THR A 40 2.57 -10.47 3.40
CA THR A 40 1.25 -10.88 3.85
C THR A 40 0.31 -9.69 3.89
N PRO A 41 -1.00 -9.94 3.82
CA PRO A 41 -1.96 -8.84 4.06
C PRO A 41 -1.67 -8.11 5.34
N GLU A 42 -1.29 -8.84 6.39
CA GLU A 42 -0.94 -8.17 7.62
C GLU A 42 0.36 -7.43 7.52
N LYS A 43 0.84 -7.24 6.29
CA LYS A 43 2.00 -6.43 5.95
C LYS A 43 3.31 -7.08 6.35
N ARG A 44 3.30 -8.40 6.60
CA ARG A 44 4.47 -9.09 7.16
C ARG A 44 5.24 -9.69 5.98
N LEU A 45 6.57 -9.50 5.93
CA LEU A 45 7.37 -9.95 4.78
C LEU A 45 7.87 -11.37 4.96
N GLU A 46 7.74 -12.19 3.92
CA GLU A 46 8.12 -13.59 3.96
C GLU A 46 9.07 -13.88 2.79
N TRP A 47 10.18 -14.55 3.08
CA TRP A 47 11.01 -15.06 2.01
C TRP A 47 10.31 -16.24 1.34
N VAL A 48 10.53 -16.42 0.03
CA VAL A 48 9.89 -17.57 -0.59
C VAL A 48 10.86 -18.55 -1.24
N ALA A 49 11.54 -18.17 -2.33
CA ALA A 49 12.47 -19.07 -3.02
C ALA A 49 13.69 -18.31 -3.51
N SER A 50 14.74 -19.05 -3.82
CA SER A 50 15.95 -18.40 -4.32
C SER A 50 16.62 -19.35 -5.29
N ILE A 51 17.33 -18.80 -6.26
CA ILE A 51 17.88 -19.64 -7.31
C ILE A 51 19.29 -19.15 -7.63
N SER A 52 20.28 -20.01 -7.41
CA SER A 52 21.69 -19.62 -7.39
C SER A 52 22.17 -19.23 -8.80
N THR A 53 23.36 -18.59 -8.83
CA THR A 53 24.00 -18.32 -10.11
C THR A 53 23.97 -19.57 -10.99
N GLY A 54 23.95 -20.76 -10.38
CA GLY A 54 23.86 -22.06 -10.99
C GLY A 54 22.69 -22.96 -10.61
N ASP A 55 21.46 -22.40 -10.52
CA ASP A 55 20.19 -23.15 -10.59
C ASP A 55 19.89 -24.01 -9.39
N ASN A 56 20.79 -24.07 -8.40
CA ASN A 56 20.53 -24.53 -7.05
C ASN A 56 19.34 -23.74 -6.50
N THR A 57 18.17 -24.37 -6.36
CA THR A 57 16.96 -23.71 -5.88
C THR A 57 16.82 -23.88 -4.38
N TYR A 58 16.10 -22.97 -3.75
CA TYR A 58 15.99 -22.93 -2.30
C TYR A 58 14.66 -22.37 -1.90
N TYR A 59 13.81 -23.16 -1.23
CA TYR A 59 12.45 -22.73 -0.87
C TYR A 59 12.22 -22.75 0.64
N THR A 60 11.33 -21.86 1.07
CA THR A 60 10.81 -21.85 2.43
C THR A 60 9.83 -22.98 2.56
N ASP A 61 9.81 -23.58 3.75
CA ASP A 61 9.17 -24.88 3.91
C ASP A 61 7.70 -24.82 3.49
N SER A 62 6.99 -23.75 3.90
CA SER A 62 5.56 -23.68 3.68
CA SER A 62 5.55 -23.63 3.67
C SER A 62 5.15 -23.84 2.21
N VAL A 63 6.08 -23.69 1.27
CA VAL A 63 5.79 -23.79 -0.14
C VAL A 63 6.50 -24.95 -0.81
N ARG A 64 7.26 -25.75 -0.06
CA ARG A 64 8.00 -26.80 -0.74
C ARG A 64 7.02 -27.74 -1.43
N GLY A 65 7.33 -28.10 -2.67
CA GLY A 65 6.50 -29.00 -3.48
C GLY A 65 5.55 -28.26 -4.38
N ARG A 66 4.78 -27.35 -3.79
CA ARG A 66 3.87 -26.51 -4.56
C ARG A 66 4.64 -25.65 -5.57
N PHE A 67 5.57 -24.85 -5.05
CA PHE A 67 6.17 -23.73 -5.77
C PHE A 67 7.50 -24.15 -6.36
N THR A 68 7.72 -23.87 -7.64
CA THR A 68 9.00 -24.15 -8.29
C THR A 68 9.57 -22.87 -8.91
N ILE A 69 10.87 -22.51 -8.55
CA ILE A 69 11.54 -21.26 -8.95
C ILE A 69 12.51 -21.53 -10.10
N SER A 70 12.48 -20.68 -11.12
CA SER A 70 13.10 -21.07 -12.38
C SER A 70 13.54 -19.85 -13.18
N ARG A 71 14.80 -19.86 -13.62
CA ARG A 71 15.39 -18.72 -14.31
C ARG A 71 15.75 -19.08 -15.73
N ASP A 72 15.45 -18.18 -16.66
CA ASP A 72 15.90 -18.33 -18.04
C ASP A 72 16.86 -17.20 -18.37
N ASN A 73 18.17 -17.49 -18.29
CA ASN A 73 19.15 -16.45 -18.52
C ASN A 73 19.03 -15.85 -19.92
N ALA A 74 18.60 -16.66 -20.89
CA ALA A 74 18.49 -16.23 -22.27
C ALA A 74 17.72 -14.93 -22.38
N ARG A 75 16.49 -14.93 -21.87
CA ARG A 75 15.60 -13.79 -22.03
C ARG A 75 15.59 -12.88 -20.81
N ASN A 76 16.53 -13.03 -19.88
CA ASN A 76 16.49 -12.27 -18.64
C ASN A 76 15.08 -12.29 -18.05
N ILE A 77 14.63 -13.48 -17.65
CA ILE A 77 13.36 -13.60 -16.97
C ILE A 77 13.50 -14.60 -15.85
N LEU A 78 12.71 -14.39 -14.80
CA LEU A 78 12.61 -15.30 -13.68
C LEU A 78 11.15 -15.62 -13.46
N TYR A 79 10.89 -16.86 -13.03
CA TYR A 79 9.55 -17.35 -12.85
C TYR A 79 9.39 -17.89 -11.45
N LEU A 80 8.23 -17.65 -10.87
CA LEU A 80 7.77 -18.42 -9.72
C LEU A 80 6.51 -19.17 -10.14
N GLN A 81 6.58 -20.51 -10.24
CA GLN A 81 5.36 -21.26 -10.55
C GLN A 81 4.69 -21.72 -9.25
N MET A 82 3.43 -21.37 -9.10
CA MET A 82 2.73 -21.51 -7.82
C MET A 82 1.50 -22.42 -7.99
N SER A 83 1.64 -23.71 -7.68
CA SER A 83 0.53 -24.65 -7.82
C SER A 83 -0.06 -24.88 -6.46
N SER A 84 -1.36 -25.15 -6.43
CA SER A 84 -2.01 -25.61 -5.22
C SER A 84 -1.99 -24.51 -4.14
N LEU A 85 -2.53 -23.34 -4.51
CA LEU A 85 -2.46 -22.19 -3.64
C LEU A 85 -3.29 -22.35 -2.39
N ARG A 86 -2.69 -22.02 -1.26
CA ARG A 86 -3.45 -22.05 -0.03
C ARG A 86 -3.94 -20.63 0.21
N SER A 87 -4.98 -20.54 1.05
CA SER A 87 -5.53 -19.25 1.45
C SER A 87 -4.47 -18.36 2.08
N GLU A 88 -3.46 -18.97 2.72
CA GLU A 88 -2.34 -18.22 3.31
C GLU A 88 -1.67 -17.37 2.24
N ASP A 89 -1.30 -18.02 1.13
CA ASP A 89 -0.48 -17.48 0.05
C ASP A 89 -1.00 -16.19 -0.56
N THR A 90 -2.23 -15.78 -0.26
CA THR A 90 -2.70 -14.48 -0.69
C THR A 90 -1.75 -13.40 -0.19
N ALA A 91 -1.02 -12.75 -1.13
CA ALA A 91 -0.07 -11.69 -0.78
C ALA A 91 0.53 -11.02 -2.02
N MET A 92 1.43 -10.08 -1.78
CA MET A 92 2.13 -9.35 -2.81
C MET A 92 3.48 -10.03 -3.08
N TYR A 93 3.81 -10.23 -4.37
CA TYR A 93 4.97 -11.02 -4.80
C TYR A 93 5.99 -10.12 -5.50
N PHE A 94 7.22 -10.06 -4.95
CA PHE A 94 8.33 -9.29 -5.48
C PHE A 94 9.42 -10.24 -5.93
N CYS A 95 10.00 -10.03 -7.10
CA CYS A 95 11.25 -10.76 -7.28
C CYS A 95 12.34 -9.90 -6.72
N THR A 96 13.49 -10.49 -6.47
CA THR A 96 14.66 -9.71 -6.14
C THR A 96 15.82 -10.23 -6.95
N ARG A 97 16.76 -9.34 -7.22
CA ARG A 97 18.07 -9.71 -7.73
C ARG A 97 19.10 -9.65 -6.62
N GLY A 98 20.17 -10.41 -6.81
CA GLY A 98 21.23 -10.42 -5.83
C GLY A 98 21.83 -9.03 -5.63
N ARG A 99 22.29 -8.77 -4.40
CA ARG A 99 23.07 -7.56 -4.16
C ARG A 99 24.25 -7.44 -5.11
N GLY A 100 25.16 -8.42 -5.04
CA GLY A 100 26.33 -8.54 -5.89
C GLY A 100 26.54 -9.93 -6.47
N ASP A 101 27.69 -10.17 -7.11
CA ASP A 101 27.96 -11.47 -7.74
C ASP A 101 28.23 -12.46 -6.65
N ARG A 102 27.21 -12.67 -5.83
CA ARG A 102 27.37 -13.29 -4.52
C ARG A 102 26.02 -13.94 -4.20
N GLY A 103 25.79 -14.16 -2.90
CA GLY A 103 24.52 -14.72 -2.49
C GLY A 103 23.22 -13.98 -2.84
N ASP A 104 22.14 -14.46 -2.19
CA ASP A 104 20.77 -14.11 -2.56
C ASP A 104 20.29 -12.84 -1.88
N LEU A 105 21.18 -12.00 -1.37
CA LEU A 105 20.71 -10.77 -0.76
C LEU A 105 19.80 -9.99 -1.70
N PHE A 106 18.73 -9.45 -1.11
CA PHE A 106 17.67 -8.69 -1.80
C PHE A 106 18.14 -7.26 -2.11
N GLY A 107 19.06 -7.21 -3.07
CA GLY A 107 19.64 -5.97 -3.50
C GLY A 107 18.57 -5.11 -4.08
N TYR A 108 17.99 -5.58 -5.18
CA TYR A 108 17.04 -4.81 -5.96
C TYR A 108 15.66 -5.49 -5.95
N TRP A 109 14.62 -4.73 -6.22
CA TRP A 109 13.27 -5.24 -6.03
C TRP A 109 12.36 -4.78 -7.15
N GLY A 110 11.64 -5.71 -7.72
CA GLY A 110 10.49 -5.34 -8.50
C GLY A 110 9.48 -4.58 -7.68
N GLN A 111 8.44 -4.14 -8.39
CA GLN A 111 7.41 -3.29 -7.81
C GLN A 111 6.35 -4.10 -7.07
N GLY A 112 6.21 -5.39 -7.43
CA GLY A 112 5.33 -6.36 -6.77
C GLY A 112 4.08 -6.65 -7.56
N THR A 113 3.76 -7.93 -7.79
CA THR A 113 2.48 -8.36 -8.35
C THR A 113 1.66 -9.12 -7.30
N LEU A 114 0.36 -8.88 -7.27
CA LEU A 114 -0.49 -9.37 -6.18
C LEU A 114 -1.20 -10.68 -6.55
N VAL A 115 -1.22 -11.63 -5.62
CA VAL A 115 -1.93 -12.88 -5.82
C VAL A 115 -2.98 -13.03 -4.72
N THR A 116 -4.24 -13.00 -5.14
CA THR A 116 -5.39 -13.07 -4.26
C THR A 116 -5.98 -14.47 -4.45
N VAL A 117 -6.16 -15.23 -3.37
CA VAL A 117 -6.84 -16.54 -3.48
C VAL A 117 -8.04 -16.63 -2.55
N SER A 118 -9.17 -16.22 -3.09
CA SER A 118 -10.50 -16.69 -2.70
C SER A 118 -10.99 -17.68 -3.74
N SER A 119 -12.18 -18.19 -3.50
CA SER A 119 -12.93 -18.80 -4.57
C SER A 119 -13.67 -17.74 -5.40
N ALA A 120 -13.82 -16.51 -4.89
CA ALA A 120 -14.81 -15.55 -5.39
C ALA A 120 -14.64 -15.27 -6.90
N LYS A 121 -15.67 -14.61 -7.46
CA LYS A 121 -15.77 -14.37 -8.90
C LYS A 121 -15.22 -12.99 -9.28
N THR A 122 -14.37 -12.99 -10.30
CA THR A 122 -13.96 -11.78 -10.99
C THR A 122 -15.19 -10.92 -11.34
N THR A 123 -15.25 -9.70 -10.76
CA THR A 123 -16.31 -8.73 -11.08
C THR A 123 -15.67 -7.38 -11.40
N ALA A 124 -16.03 -6.82 -12.56
CA ALA A 124 -15.60 -5.48 -12.92
C ALA A 124 -16.21 -4.46 -11.96
N PRO A 125 -15.68 -3.24 -11.96
CA PRO A 125 -16.14 -2.23 -10.99
C PRO A 125 -17.14 -1.28 -11.58
N SER A 126 -17.91 -0.65 -10.72
CA SER A 126 -18.66 0.55 -11.09
C SER A 126 -17.86 1.80 -10.75
N VAL A 127 -18.16 2.87 -11.45
CA VAL A 127 -17.60 4.16 -11.12
C VAL A 127 -18.74 5.15 -10.96
N TYR A 128 -18.73 5.87 -9.83
CA TYR A 128 -19.75 6.83 -9.48
C TYR A 128 -19.04 8.14 -9.17
N PRO A 129 -19.35 9.20 -9.84
CA PRO A 129 -18.54 10.41 -9.74
C PRO A 129 -19.05 11.32 -8.65
N LEU A 130 -18.19 11.70 -7.70
CA LEU A 130 -18.60 12.67 -6.69
C LEU A 130 -18.45 14.09 -7.23
N ALA A 131 -19.65 14.75 -7.54
CA ALA A 131 -19.79 16.17 -7.82
C ALA A 131 -20.51 16.88 -6.68
N PRO A 132 -20.03 18.07 -6.27
CA PRO A 132 -20.71 18.87 -5.24
C PRO A 132 -22.14 19.23 -5.63
N GLY A 139 -16.39 31.41 -1.44
CA GLY A 139 -15.79 30.87 -2.64
C GLY A 139 -14.27 30.88 -2.62
N SER A 140 -13.67 29.76 -2.19
CA SER A 140 -12.21 29.60 -2.17
C SER A 140 -11.73 28.47 -3.08
N SER A 141 -12.18 27.23 -2.86
CA SER A 141 -11.57 26.05 -3.49
C SER A 141 -12.52 24.86 -3.38
N VAL A 142 -12.89 24.27 -4.51
CA VAL A 142 -13.84 23.15 -4.54
C VAL A 142 -13.08 21.84 -4.62
N THR A 143 -13.78 20.79 -4.28
CA THR A 143 -13.24 19.45 -4.27
C THR A 143 -14.27 18.53 -4.87
N LEU A 144 -13.79 17.47 -5.52
CA LEU A 144 -14.65 16.48 -6.14
C LEU A 144 -13.96 15.13 -6.04
N GLY A 145 -14.75 14.07 -6.06
CA GLY A 145 -14.22 12.75 -5.78
C GLY A 145 -14.76 11.72 -6.74
N CYS A 146 -14.20 10.51 -6.62
CA CYS A 146 -14.61 9.41 -7.49
C CYS A 146 -14.71 8.14 -6.67
N LEU A 147 -15.79 7.41 -6.88
CA LEU A 147 -16.08 6.22 -6.08
C LEU A 147 -16.15 4.96 -6.94
N VAL A 148 -15.66 3.86 -6.36
CA VAL A 148 -15.60 2.57 -7.04
C VAL A 148 -16.29 1.58 -6.11
N LYS A 149 -17.59 1.47 -6.21
CA LYS A 149 -18.31 0.49 -5.40
C LYS A 149 -18.32 -0.84 -6.15
N GLY A 150 -17.60 -1.80 -5.60
CA GLY A 150 -17.87 -3.19 -5.89
C GLY A 150 -17.04 -3.73 -7.03
N TYR A 151 -15.90 -4.29 -6.68
CA TYR A 151 -14.94 -4.73 -7.67
C TYR A 151 -14.10 -5.80 -7.03
N PHE A 152 -13.90 -6.88 -7.76
CA PHE A 152 -13.13 -7.99 -7.22
C PHE A 152 -12.57 -8.88 -8.32
N PRO A 153 -11.27 -9.27 -8.22
CA PRO A 153 -10.40 -9.13 -7.05
C PRO A 153 -9.67 -7.83 -6.92
N GLU A 154 -8.90 -7.70 -5.83
CA GLU A 154 -8.11 -6.49 -5.83
C GLU A 154 -6.92 -6.70 -6.76
N PRO A 155 -6.35 -5.62 -7.37
CA PRO A 155 -6.38 -4.17 -7.22
C PRO A 155 -6.99 -3.40 -8.39
N VAL A 156 -6.98 -2.05 -8.30
CA VAL A 156 -7.40 -1.14 -9.37
C VAL A 156 -6.52 0.11 -9.35
N THR A 157 -6.59 0.88 -10.44
CA THR A 157 -5.74 2.04 -10.62
C THR A 157 -6.56 3.26 -10.96
N LEU A 158 -6.58 4.20 -10.03
CA LEU A 158 -7.35 5.41 -10.17
C LEU A 158 -6.40 6.52 -10.55
N THR A 159 -6.68 7.16 -11.67
CA THR A 159 -5.94 8.35 -12.04
C THR A 159 -6.90 9.49 -12.36
N TRP A 160 -6.37 10.70 -12.31
CA TRP A 160 -7.18 11.91 -12.51
C TRP A 160 -6.71 12.66 -13.74
N ASN A 161 -7.60 12.81 -14.72
CA ASN A 161 -7.25 13.40 -16.00
C ASN A 161 -6.08 12.64 -16.63
N SER A 162 -6.31 11.34 -16.80
CA SER A 162 -5.31 10.45 -17.37
C SER A 162 -3.99 10.56 -16.63
N GLY A 163 -4.03 10.92 -15.35
CA GLY A 163 -2.84 11.01 -14.50
C GLY A 163 -2.20 12.38 -14.42
N SER A 164 -2.68 13.36 -15.19
CA SER A 164 -2.07 14.68 -15.20
C SER A 164 -2.22 15.43 -13.88
N LEU A 165 -3.02 14.90 -12.94
CA LEU A 165 -3.38 15.64 -11.74
C LEU A 165 -2.51 15.16 -10.58
N SER A 166 -1.62 16.02 -10.09
CA SER A 166 -0.54 15.53 -9.19
C SER A 166 -0.90 15.58 -7.71
N SER A 167 -1.07 16.79 -7.21
CA SER A 167 -1.28 17.00 -5.79
C SER A 167 -2.77 17.24 -5.58
N GLY A 168 -3.17 17.28 -4.32
CA GLY A 168 -4.57 17.41 -4.02
C GLY A 168 -5.35 16.12 -4.15
N VAL A 169 -4.71 15.05 -4.58
CA VAL A 169 -5.33 13.75 -4.55
C VAL A 169 -5.01 13.07 -3.23
N HIS A 170 -6.05 12.50 -2.62
CA HIS A 170 -5.90 11.58 -1.49
C HIS A 170 -6.70 10.31 -1.83
N THR A 171 -6.08 9.43 -2.62
CA THR A 171 -6.66 8.13 -2.87
C THR A 171 -6.55 7.27 -1.63
N PHE A 172 -7.63 6.53 -1.34
CA PHE A 172 -7.82 5.77 -0.12
C PHE A 172 -7.65 4.28 -0.36
N PRO A 173 -7.13 3.57 0.64
CA PRO A 173 -7.09 2.10 0.58
C PRO A 173 -8.46 1.53 0.26
N ALA A 174 -8.47 0.48 -0.55
CA ALA A 174 -9.74 -0.17 -0.81
C ALA A 174 -10.33 -0.68 0.51
N VAL A 175 -11.59 -1.14 0.48
CA VAL A 175 -12.23 -1.80 1.62
C VAL A 175 -13.14 -2.96 1.21
N LEU A 176 -12.68 -4.20 1.42
CA LEU A 176 -13.52 -5.37 1.12
C LEU A 176 -14.65 -5.51 2.13
N GLN A 177 -15.86 -5.49 1.61
CA GLN A 177 -17.01 -5.99 2.33
C GLN A 177 -17.82 -6.83 1.37
N SER A 178 -18.03 -8.08 1.73
CA SER A 178 -18.85 -8.98 0.92
C SER A 178 -18.32 -9.02 -0.51
N ASP A 179 -17.01 -9.29 -0.63
CA ASP A 179 -16.28 -9.61 -1.86
C ASP A 179 -16.21 -8.46 -2.86
N LEU A 180 -16.60 -7.26 -2.46
CA LEU A 180 -16.59 -6.14 -3.38
C LEU A 180 -15.86 -5.03 -2.70
N TYR A 181 -14.81 -4.57 -3.35
CA TYR A 181 -13.96 -3.60 -2.72
C TYR A 181 -14.56 -2.24 -3.03
N THR A 182 -14.59 -1.39 -2.03
CA THR A 182 -15.06 -0.01 -2.14
C THR A 182 -13.88 0.93 -1.92
N LEU A 183 -13.80 1.96 -2.75
CA LEU A 183 -12.57 2.71 -2.83
C LEU A 183 -12.86 4.06 -3.43
N SER A 184 -12.49 5.09 -2.69
CA SER A 184 -12.79 6.49 -2.97
C SER A 184 -11.53 7.20 -3.48
N SER A 185 -11.69 8.48 -3.82
CA SER A 185 -10.55 9.37 -3.92
C SER A 185 -11.01 10.80 -4.05
N SER A 186 -10.20 11.70 -3.49
CA SER A 186 -10.48 13.12 -3.28
C SER A 186 -9.51 13.96 -4.09
N VAL A 187 -9.99 15.07 -4.62
CA VAL A 187 -9.13 15.95 -5.41
C VAL A 187 -9.65 17.38 -5.33
N THR A 188 -8.73 18.33 -5.20
CA THR A 188 -9.04 19.71 -4.85
C THR A 188 -8.37 20.64 -5.85
N VAL A 189 -9.12 21.62 -6.36
CA VAL A 189 -8.58 22.76 -7.11
C VAL A 189 -9.34 24.02 -6.73
N THR A 190 -8.72 25.16 -7.04
CA THR A 190 -9.37 26.45 -6.86
C THR A 190 -10.73 26.40 -7.57
N SER A 191 -11.70 27.16 -7.03
CA SER A 191 -13.00 27.21 -7.70
C SER A 191 -12.82 27.65 -9.15
N SER A 192 -11.80 28.49 -9.42
CA SER A 192 -11.52 28.99 -10.75
C SER A 192 -11.21 27.90 -11.78
N THR A 193 -11.00 26.66 -11.34
CA THR A 193 -10.55 25.55 -12.18
C THR A 193 -11.68 24.67 -12.72
N TRP A 194 -12.56 24.14 -11.82
CA TRP A 194 -13.66 23.29 -12.27
C TRP A 194 -15.00 24.02 -12.15
N PRO A 195 -15.96 23.84 -13.08
CA PRO A 195 -15.85 23.04 -14.31
C PRO A 195 -15.22 23.79 -15.48
N SER A 196 -14.43 24.83 -15.18
CA SER A 196 -13.72 25.56 -16.22
C SER A 196 -12.97 24.57 -17.12
N GLN A 197 -12.32 23.56 -16.50
CA GLN A 197 -11.46 22.60 -17.19
C GLN A 197 -11.83 21.17 -16.80
N SER A 198 -12.00 20.30 -17.80
CA SER A 198 -12.64 19.00 -17.60
C SER A 198 -11.76 18.08 -16.78
N ILE A 199 -12.40 17.39 -15.83
CA ILE A 199 -11.70 16.53 -14.88
C ILE A 199 -12.36 15.16 -14.87
N THR A 200 -11.60 14.14 -15.20
CA THR A 200 -12.19 12.82 -15.33
C THR A 200 -11.49 11.81 -14.42
N CYS A 201 -12.31 10.99 -13.82
CA CYS A 201 -11.83 9.81 -13.14
C CYS A 201 -11.48 8.78 -14.19
N ASN A 202 -10.25 8.26 -14.12
CA ASN A 202 -9.78 7.17 -14.97
C ASN A 202 -9.53 6.01 -14.04
N VAL A 203 -9.95 4.85 -14.45
CA VAL A 203 -9.85 3.68 -13.60
C VAL A 203 -9.56 2.48 -14.48
N ALA A 204 -8.64 1.62 -14.05
CA ALA A 204 -8.48 0.33 -14.66
C ALA A 204 -8.68 -0.78 -13.64
N HIS A 205 -9.32 -1.87 -14.08
CA HIS A 205 -9.35 -3.11 -13.31
C HIS A 205 -8.74 -4.20 -14.19
N PRO A 206 -7.60 -4.74 -13.82
CA PRO A 206 -6.98 -5.78 -14.63
C PRO A 206 -7.81 -7.06 -14.67
N ALA A 207 -7.65 -7.80 -15.77
CA ALA A 207 -7.91 -9.24 -15.74
C ALA A 207 -9.39 -9.52 -15.60
N SER A 208 -10.16 -8.47 -15.29
CA SER A 208 -11.43 -8.22 -15.92
C SER A 208 -11.25 -7.53 -17.26
N SER A 209 -10.00 -7.14 -17.59
CA SER A 209 -9.61 -6.44 -18.82
C SER A 209 -10.55 -5.26 -19.15
N THR A 210 -11.17 -4.67 -18.13
CA THR A 210 -11.95 -3.45 -18.26
C THR A 210 -11.03 -2.25 -18.07
N LYS A 211 -11.44 -1.12 -18.63
CA LYS A 211 -10.72 0.12 -18.42
C LYS A 211 -11.75 1.20 -18.55
N VAL A 212 -11.98 1.99 -17.49
CA VAL A 212 -13.09 2.95 -17.42
C VAL A 212 -12.60 4.38 -17.21
N ASP A 213 -13.37 5.35 -17.71
CA ASP A 213 -13.12 6.75 -17.45
C ASP A 213 -14.48 7.38 -17.23
N LYS A 214 -14.71 7.93 -16.06
CA LYS A 214 -16.01 8.55 -15.81
C LYS A 214 -15.75 10.05 -15.62
N LYS A 215 -16.27 10.87 -16.55
CA LYS A 215 -16.04 12.32 -16.55
C LYS A 215 -16.85 12.97 -15.43
N ILE A 216 -16.18 13.77 -14.58
CA ILE A 216 -16.88 14.52 -13.54
C ILE A 216 -17.64 15.68 -14.18
N GLU A 217 -19.01 15.62 -14.12
CA GLU A 217 -19.95 16.64 -14.57
C GLU A 217 -20.80 17.17 -13.40
N PRO A 218 -21.28 18.42 -13.48
CA PRO A 218 -22.21 18.91 -12.44
C PRO A 218 -23.58 18.23 -12.46
N ARG A 219 -24.08 17.95 -11.23
CA ARG A 219 -25.45 17.54 -11.00
C ARG A 219 -26.38 18.71 -11.26
N GLY A 220 -27.29 18.49 -12.16
CA GLY A 220 -28.10 19.56 -12.65
C GLY A 220 -29.48 19.44 -12.07
N PRO A 221 -30.22 20.49 -12.10
CA PRO A 221 -31.58 20.40 -11.61
C PRO A 221 -32.47 19.94 -12.73
N THR A 222 -32.89 18.65 -12.69
CA THR A 222 -33.84 18.03 -13.62
C THR A 222 -34.63 16.98 -12.82
N ILE A 223 -35.94 17.20 -12.61
CA ILE A 223 -36.76 16.33 -11.76
C ILE A 223 -37.95 15.74 -12.53
N LYS A 224 -38.79 16.59 -13.14
CA LYS A 224 -39.92 16.27 -14.03
C LYS A 224 -40.78 17.53 -14.20
N ASP B 1 15.70 -21.49 10.57
CA ASP B 1 14.44 -20.97 11.09
C ASP B 1 14.72 -19.92 12.18
N ILE B 2 15.62 -19.00 11.87
CA ILE B 2 16.04 -18.05 12.89
C ILE B 2 14.95 -16.98 13.01
N VAL B 3 14.60 -16.60 14.25
CA VAL B 3 13.46 -15.73 14.54
C VAL B 3 13.90 -14.31 14.86
N MET B 4 13.50 -13.36 14.02
CA MET B 4 13.86 -11.97 14.22
C MET B 4 12.80 -11.22 14.99
N SER B 5 13.24 -10.26 15.80
CA SER B 5 12.34 -9.56 16.71
C SER B 5 12.69 -8.08 16.75
N GLN B 6 11.76 -7.25 16.30
CA GLN B 6 11.96 -5.80 16.25
C GLN B 6 11.03 -5.14 17.26
N SER B 7 11.58 -4.15 17.98
CA SER B 7 10.91 -3.52 19.13
C SER B 7 11.34 -2.06 19.29
N PRO B 8 10.39 -1.16 19.67
CA PRO B 8 8.98 -1.51 19.93
C PRO B 8 8.11 -1.68 18.67
N SER B 9 6.83 -1.84 18.95
CA SER B 9 5.87 -2.02 17.88
C SER B 9 5.57 -0.69 17.16
N SER B 10 5.09 0.33 17.89
CA SER B 10 4.87 1.66 17.34
C SER B 10 5.96 2.61 17.79
N LEU B 11 5.76 3.89 17.52
CA LEU B 11 6.75 4.92 17.85
C LEU B 11 6.12 6.29 17.60
N ALA B 12 6.86 7.35 17.98
CA ALA B 12 6.54 8.74 17.65
C ALA B 12 7.79 9.60 17.76
N VAL B 13 8.18 10.24 16.66
CA VAL B 13 9.36 11.09 16.60
C VAL B 13 8.97 12.43 15.97
N SER B 14 9.97 13.31 15.87
CA SER B 14 9.80 14.60 15.21
C SER B 14 11.10 14.96 14.51
N VAL B 15 10.98 15.68 13.38
CA VAL B 15 12.11 15.95 12.49
C VAL B 15 13.29 16.52 13.26
N GLY B 16 14.45 15.88 13.12
CA GLY B 16 15.68 16.33 13.73
C GLY B 16 16.21 15.40 14.81
N GLU B 17 15.32 14.66 15.46
CA GLU B 17 15.64 13.81 16.62
C GLU B 17 16.52 12.62 16.23
N LYS B 18 16.80 11.77 17.20
CA LYS B 18 17.52 10.55 16.91
C LYS B 18 16.54 9.38 16.98
N VAL B 19 16.91 8.29 16.31
CA VAL B 19 16.08 7.09 16.26
C VAL B 19 16.94 5.84 16.39
N THR B 20 16.52 4.96 17.29
CA THR B 20 17.22 3.73 17.61
C THR B 20 16.31 2.56 17.28
N MET B 21 16.76 1.70 16.39
CA MET B 21 16.02 0.50 16.03
C MET B 21 16.71 -0.70 16.66
N SER B 22 15.92 -1.71 17.04
CA SER B 22 16.38 -2.88 17.81
C SER B 22 15.95 -4.16 17.11
N CYS B 23 16.92 -4.96 16.67
CA CYS B 23 16.65 -6.25 16.06
C CYS B 23 17.19 -7.26 17.04
N LYS B 24 16.30 -8.04 17.64
CA LYS B 24 16.74 -9.23 18.34
C LYS B 24 16.67 -10.43 17.39
N SER B 25 17.55 -11.38 17.62
CA SER B 25 17.74 -12.53 16.75
C SER B 25 17.66 -13.78 17.60
N SER B 26 17.29 -14.92 17.01
CA SER B 26 17.21 -16.14 17.81
C SER B 26 18.50 -16.97 17.76
N GLN B 27 19.57 -16.42 17.21
CA GLN B 27 20.81 -17.15 16.99
C GLN B 27 21.85 -16.10 16.56
N SER B 28 23.11 -16.52 16.48
CA SER B 28 24.17 -15.61 16.07
C SER B 28 24.28 -15.63 14.55
N LEU B 29 24.16 -14.45 13.97
CA LEU B 29 24.42 -14.19 12.56
C LEU B 29 25.90 -13.87 12.31
N LEU B 30 26.76 -14.08 13.32
CA LEU B 30 28.19 -13.85 13.26
C LEU B 30 28.93 -15.17 13.11
N TYR B 31 29.79 -15.27 12.09
CA TYR B 31 30.41 -16.53 11.73
C TYR B 31 31.92 -16.45 12.03
N ARG B 32 32.40 -17.22 13.04
CA ARG B 32 33.77 -17.12 13.54
C ARG B 32 34.78 -17.00 12.40
N GLY B 33 34.54 -17.69 11.31
CA GLY B 33 35.55 -17.84 10.29
C GLY B 33 35.66 -16.73 9.26
N ASN B 34 34.79 -15.74 9.27
CA ASN B 34 35.05 -14.54 8.50
C ASN B 34 34.73 -13.32 9.34
N GLN B 35 34.41 -13.54 10.62
CA GLN B 35 34.02 -12.49 11.54
C GLN B 35 32.93 -11.58 10.98
N MET B 36 32.04 -12.14 10.17
CA MET B 36 31.04 -11.36 9.46
C MET B 36 29.67 -11.57 10.09
N ASN B 37 28.94 -10.48 10.31
CA ASN B 37 27.53 -10.54 10.69
C ASN B 37 26.62 -10.51 9.46
N TYR B 38 25.82 -11.58 9.30
CA TYR B 38 24.94 -11.79 8.14
C TYR B 38 23.56 -11.17 8.41
N LEU B 39 23.49 -9.84 8.32
CA LEU B 39 22.28 -9.14 8.74
C LEU B 39 22.06 -7.87 7.92
N ALA B 40 20.80 -7.51 7.71
CA ALA B 40 20.51 -6.41 6.82
C ALA B 40 19.24 -5.67 7.23
N TRP B 41 19.23 -4.36 6.98
CA TRP B 41 18.10 -3.50 7.34
C TRP B 41 17.34 -3.02 6.10
N TYR B 42 16.03 -2.77 6.24
CA TYR B 42 15.24 -2.30 5.10
C TYR B 42 14.42 -1.06 5.50
N GLN B 43 14.13 -0.20 4.50
CA GLN B 43 13.07 0.83 4.56
C GLN B 43 12.08 0.64 3.42
N GLN B 44 10.80 0.45 3.78
CA GLN B 44 9.70 0.31 2.81
C GLN B 44 8.67 1.46 2.85
N LYS B 45 8.94 2.52 2.06
CA LYS B 45 7.98 3.62 1.94
C LYS B 45 6.62 3.07 1.51
N PRO B 46 5.53 3.41 2.19
CA PRO B 46 4.21 2.77 1.92
C PRO B 46 3.80 2.81 0.46
N GLY B 47 3.38 1.64 -0.04
CA GLY B 47 2.96 1.49 -1.43
C GLY B 47 4.08 1.15 -2.38
N GLN B 48 5.25 0.78 -1.85
CA GLN B 48 6.43 0.53 -2.66
C GLN B 48 7.14 -0.72 -2.16
N SER B 49 8.03 -1.23 -3.00
CA SER B 49 8.91 -2.26 -2.51
C SER B 49 9.71 -1.65 -1.37
N PRO B 50 10.33 -2.47 -0.55
CA PRO B 50 11.42 -1.99 0.27
C PRO B 50 12.69 -1.77 -0.55
N LYS B 51 13.59 -1.02 0.09
CA LYS B 51 14.94 -0.69 -0.36
C LYS B 51 15.93 -1.31 0.63
N LEU B 52 17.09 -1.71 0.12
CA LEU B 52 18.15 -2.17 1.02
C LEU B 52 18.87 -0.95 1.64
N LEU B 53 18.58 -0.70 2.92
CA LEU B 53 19.34 0.28 3.71
C LEU B 53 20.72 -0.23 4.16
N ILE B 54 20.75 -1.28 4.99
CA ILE B 54 21.99 -1.67 5.68
C ILE B 54 22.21 -3.15 5.51
N TYR B 55 23.47 -3.55 5.33
CA TYR B 55 23.80 -4.96 5.18
C TYR B 55 25.18 -5.24 5.75
N TRP B 56 25.46 -6.51 6.00
CA TRP B 56 26.49 -6.94 6.97
C TRP B 56 26.35 -6.20 8.30
N ALA B 57 25.13 -5.70 8.58
CA ALA B 57 24.62 -5.09 9.83
C ALA B 57 25.16 -3.69 10.06
N SER B 58 26.14 -3.30 9.24
CA SER B 58 26.84 -2.03 9.33
C SER B 58 27.04 -1.30 8.01
N THR B 59 27.35 -2.01 6.93
CA THR B 59 27.67 -1.39 5.66
C THR B 59 26.45 -0.69 5.07
N ARG B 60 26.60 0.59 4.79
CA ARG B 60 25.63 1.33 4.00
C ARG B 60 25.60 0.83 2.55
N GLU B 61 24.39 0.55 2.08
CA GLU B 61 24.18 0.39 0.65
C GLU B 61 24.36 1.74 -0.05
N SER B 62 24.88 1.69 -1.27
CA SER B 62 25.26 2.91 -1.97
C SER B 62 24.07 3.82 -2.21
N GLY B 63 24.29 5.13 -2.06
CA GLY B 63 23.21 6.08 -2.07
C GLY B 63 22.38 6.11 -0.81
N VAL B 64 22.64 5.25 0.16
CA VAL B 64 22.08 5.47 1.49
C VAL B 64 22.66 6.76 2.09
N PRO B 65 21.85 7.56 2.80
CA PRO B 65 22.39 8.76 3.44
C PRO B 65 23.45 8.48 4.48
N ASP B 66 24.14 9.54 4.88
CA ASP B 66 25.11 9.39 5.95
C ASP B 66 24.41 9.25 7.31
N ARG B 67 23.13 9.77 7.43
CA ARG B 67 22.27 9.92 8.64
C ARG B 67 21.68 8.70 9.04
N PHE B 68 22.15 7.67 8.34
CA PHE B 68 21.87 6.26 8.61
C PHE B 68 23.18 5.53 8.88
N THR B 69 23.24 4.85 10.01
CA THR B 69 24.40 4.04 10.37
C THR B 69 23.90 2.71 10.98
N GLY B 70 24.60 1.63 10.66
CA GLY B 70 24.26 0.30 11.17
C GLY B 70 25.38 -0.20 12.06
N SER B 71 24.99 -0.74 13.21
CA SER B 71 25.95 -1.11 14.25
C SER B 71 25.55 -2.47 14.80
N GLY B 72 26.12 -2.85 15.94
CA GLY B 72 25.75 -4.09 16.59
C GLY B 72 26.34 -5.31 15.90
N SER B 73 26.00 -6.48 16.46
CA SER B 73 26.62 -7.74 16.06
C SER B 73 25.95 -8.92 16.75
N GLY B 74 26.04 -10.07 16.06
CA GLY B 74 25.87 -11.40 16.61
C GLY B 74 24.44 -11.83 16.86
N THR B 75 23.82 -11.21 17.86
CA THR B 75 22.41 -11.42 18.15
C THR B 75 21.61 -10.16 18.44
N GLU B 76 22.27 -9.03 18.68
CA GLU B 76 21.55 -7.82 19.07
C GLU B 76 22.11 -6.65 18.27
N PHE B 77 21.32 -6.20 17.28
CA PHE B 77 21.75 -5.26 16.25
C PHE B 77 20.97 -3.96 16.38
N THR B 78 21.46 -2.92 15.70
CA THR B 78 20.91 -1.59 15.93
C THR B 78 21.08 -0.66 14.75
N LEU B 79 20.00 0.05 14.44
CA LEU B 79 19.94 0.94 13.30
C LEU B 79 19.94 2.38 13.82
N THR B 80 20.83 3.20 13.27
CA THR B 80 21.09 4.53 13.80
C THR B 80 20.54 5.59 12.87
N ILE B 81 19.63 6.43 13.37
CA ILE B 81 19.17 7.61 12.64
C ILE B 81 19.61 8.88 13.35
N SER B 82 20.56 9.57 12.74
CA SER B 82 21.15 10.80 13.22
C SER B 82 20.13 11.93 13.28
N SER B 83 19.68 12.38 12.11
CA SER B 83 18.58 13.35 11.97
C SER B 83 17.44 12.68 11.20
N VAL B 84 16.31 12.47 11.89
CA VAL B 84 15.08 12.00 11.26
C VAL B 84 14.50 13.12 10.41
N LYS B 85 14.33 12.87 9.12
CA LYS B 85 13.62 13.79 8.24
C LYS B 85 12.17 13.28 8.17
N ALA B 86 11.35 13.85 7.30
CA ALA B 86 10.09 13.19 7.04
C ALA B 86 10.15 12.33 5.76
N GLU B 87 11.23 12.43 4.97
CA GLU B 87 11.46 11.49 3.88
C GLU B 87 11.74 10.08 4.39
N ASP B 88 11.68 9.93 5.72
CA ASP B 88 11.97 8.72 6.48
C ASP B 88 10.72 8.24 7.20
N LEU B 89 9.54 8.66 6.75
CA LEU B 89 8.28 8.25 7.35
C LEU B 89 7.79 7.01 6.61
N THR B 90 7.81 5.89 7.30
CA THR B 90 7.75 4.60 6.64
C THR B 90 7.64 3.50 7.71
N VAL B 91 7.92 2.25 7.33
CA VAL B 91 8.37 1.24 8.29
C VAL B 91 9.82 0.86 8.00
N TYR B 92 10.38 0.12 8.96
CA TYR B 92 11.72 -0.42 8.92
C TYR B 92 11.70 -1.87 9.33
N TYR B 93 12.61 -2.65 8.70
CA TYR B 93 12.72 -4.08 8.90
C TYR B 93 14.19 -4.51 8.88
N CYS B 94 14.42 -5.67 9.49
CA CYS B 94 15.73 -6.33 9.56
C CYS B 94 15.59 -7.75 9.03
N GLN B 95 16.57 -8.18 8.24
CA GLN B 95 16.63 -9.60 8.04
C GLN B 95 18.01 -10.19 8.34
N GLN B 96 18.07 -11.54 8.28
CA GLN B 96 19.28 -12.35 8.43
C GLN B 96 19.42 -13.16 7.16
N TYR B 97 20.65 -13.45 6.76
CA TYR B 97 20.82 -14.34 5.64
C TYR B 97 21.89 -15.36 5.93
N TYR B 98 22.06 -15.71 7.22
CA TYR B 98 22.96 -16.77 7.66
C TYR B 98 22.53 -18.09 7.05
N THR B 99 21.41 -18.63 7.47
CA THR B 99 20.91 -19.79 6.76
C THR B 99 19.47 -19.56 6.35
N TYR B 100 18.91 -20.59 5.67
CA TYR B 100 17.52 -20.62 5.32
C TYR B 100 16.71 -21.07 6.54
N PRO B 101 15.43 -20.69 6.61
CA PRO B 101 14.90 -19.74 5.64
C PRO B 101 15.33 -18.30 6.00
N ARG B 102 15.43 -17.46 4.99
CA ARG B 102 15.66 -16.07 5.22
C ARG B 102 14.53 -15.55 6.09
N THR B 103 14.85 -14.68 7.04
CA THR B 103 13.87 -14.23 8.02
C THR B 103 13.79 -12.73 8.21
N PHE B 104 12.56 -12.23 8.40
CA PHE B 104 12.32 -10.83 8.68
C PHE B 104 11.71 -10.65 10.07
N GLY B 105 11.85 -9.44 10.61
CA GLY B 105 11.26 -9.08 11.88
C GLY B 105 9.82 -8.62 11.73
N GLY B 106 9.22 -8.28 12.87
CA GLY B 106 7.89 -7.74 12.82
C GLY B 106 7.80 -6.28 12.41
N GLY B 107 8.91 -5.65 12.02
CA GLY B 107 8.84 -4.27 11.58
C GLY B 107 8.57 -3.28 12.69
N THR B 108 8.76 -2.00 12.38
CA THR B 108 8.50 -0.94 13.35
C THR B 108 7.96 0.27 12.60
N LYS B 109 6.75 0.71 12.97
CA LYS B 109 6.15 1.91 12.39
C LYS B 109 6.53 3.11 13.24
N LEU B 110 7.26 4.04 12.64
CA LEU B 110 7.44 5.36 13.23
C LEU B 110 6.33 6.25 12.67
N GLU B 111 5.37 6.60 13.53
CA GLU B 111 4.37 7.61 13.23
C GLU B 111 4.94 8.99 13.58
N ILE B 112 5.19 9.85 12.58
CA ILE B 112 5.73 11.17 12.92
C ILE B 112 4.63 11.97 13.63
N LYS B 113 5.05 12.88 14.50
CA LYS B 113 4.16 13.68 15.33
C LYS B 113 4.72 15.09 15.30
N ARG B 114 4.15 15.96 14.46
CA ARG B 114 4.73 17.27 14.20
C ARG B 114 3.93 18.42 14.80
N ALA B 115 2.69 18.60 14.37
CA ALA B 115 1.87 19.71 14.85
C ALA B 115 0.41 19.34 14.64
N ASP B 116 -0.42 19.72 15.60
CA ASP B 116 -1.85 19.55 15.41
C ASP B 116 -2.28 20.41 14.23
N ALA B 117 -2.94 19.79 13.24
CA ALA B 117 -3.40 20.50 12.05
C ALA B 117 -4.93 20.53 12.00
N ALA B 118 -5.48 21.21 10.99
CA ALA B 118 -6.90 21.52 10.93
C ALA B 118 -7.61 20.75 9.83
N PRO B 119 -8.51 19.78 10.17
CA PRO B 119 -9.03 18.86 9.13
C PRO B 119 -10.01 19.50 8.16
N THR B 120 -9.60 19.67 6.89
CA THR B 120 -10.50 20.14 5.84
C THR B 120 -11.54 19.08 5.47
N VAL B 121 -12.83 19.41 5.53
CA VAL B 121 -13.87 18.45 5.20
C VAL B 121 -14.48 18.81 3.84
N SER B 122 -15.23 17.87 3.28
CA SER B 122 -15.98 18.09 2.04
C SER B 122 -17.02 16.99 1.87
N ILE B 123 -18.30 17.35 1.73
CA ILE B 123 -19.39 16.40 1.83
C ILE B 123 -20.05 16.24 0.46
N PHE B 124 -20.39 15.01 0.09
CA PHE B 124 -20.74 14.74 -1.30
C PHE B 124 -21.95 13.82 -1.44
N PRO B 125 -23.03 14.33 -2.02
CA PRO B 125 -24.27 13.55 -2.15
C PRO B 125 -24.04 12.36 -3.06
N PRO B 126 -24.93 11.37 -3.08
CA PRO B 126 -24.80 10.32 -4.09
C PRO B 126 -24.95 10.94 -5.46
N SER B 127 -24.40 10.26 -6.46
CA SER B 127 -24.33 10.75 -7.83
C SER B 127 -25.62 10.44 -8.59
N SER B 128 -25.99 11.35 -9.52
CA SER B 128 -27.19 11.17 -10.34
C SER B 128 -27.16 9.85 -11.11
N GLU B 129 -26.06 9.10 -11.00
CA GLU B 129 -25.85 7.82 -11.65
C GLU B 129 -26.00 6.65 -10.71
N GLN B 130 -25.48 6.79 -9.48
CA GLN B 130 -25.48 5.68 -8.53
C GLN B 130 -26.91 5.28 -8.19
N LEU B 131 -27.72 6.26 -7.77
CA LEU B 131 -29.17 6.10 -7.61
C LEU B 131 -29.78 5.33 -8.77
N THR B 132 -29.29 5.56 -9.98
CA THR B 132 -29.91 4.97 -11.15
C THR B 132 -29.60 3.47 -11.30
N SER B 133 -28.62 2.93 -10.57
CA SER B 133 -28.42 1.48 -10.61
C SER B 133 -29.12 0.74 -9.48
N GLY B 134 -29.35 1.41 -8.34
CA GLY B 134 -29.73 0.78 -7.09
C GLY B 134 -28.66 1.02 -6.03
N GLY B 135 -28.94 1.93 -5.10
CA GLY B 135 -28.02 2.28 -4.03
C GLY B 135 -27.67 3.76 -4.06
N ALA B 136 -26.97 4.17 -2.99
CA ALA B 136 -26.48 5.55 -2.86
C ALA B 136 -25.60 5.72 -1.61
N SER B 137 -24.65 6.64 -1.63
CA SER B 137 -23.64 6.67 -0.58
C SER B 137 -23.03 8.06 -0.47
N VAL B 138 -23.41 8.83 0.56
CA VAL B 138 -22.73 10.10 0.76
C VAL B 138 -21.27 9.83 1.12
N VAL B 139 -20.45 10.86 0.96
CA VAL B 139 -19.04 10.79 1.29
C VAL B 139 -18.63 12.15 1.83
N CYS B 140 -17.82 12.14 2.88
CA CYS B 140 -17.16 13.32 3.41
C CYS B 140 -15.66 13.01 3.56
N PHE B 141 -14.83 14.05 3.49
CA PHE B 141 -13.41 13.87 3.22
C PHE B 141 -12.60 14.72 4.18
N LEU B 142 -11.93 14.10 5.12
CA LEU B 142 -11.00 14.84 5.96
C LEU B 142 -9.63 14.81 5.31
N ASN B 143 -8.97 15.96 5.23
CA ASN B 143 -7.77 16.07 4.44
C ASN B 143 -6.78 16.96 5.16
N ASN B 144 -5.51 16.54 5.20
CA ASN B 144 -4.42 17.39 5.65
C ASN B 144 -4.46 17.79 7.12
N PHE B 145 -4.50 16.80 8.02
CA PHE B 145 -4.59 16.99 9.47
C PHE B 145 -3.65 16.07 10.25
N TYR B 146 -3.36 16.48 11.50
CA TYR B 146 -2.71 15.70 12.56
C TYR B 146 -3.43 16.09 13.84
N PRO B 147 -3.73 15.14 14.76
CA PRO B 147 -3.35 13.73 14.77
C PRO B 147 -4.34 12.79 14.13
N LYS B 148 -3.84 11.60 13.80
CA LYS B 148 -4.65 10.47 13.35
C LYS B 148 -5.77 10.12 14.33
N ASP B 149 -5.79 10.76 15.50
CA ASP B 149 -6.73 10.49 16.58
C ASP B 149 -7.88 11.48 16.46
N ILE B 150 -8.76 11.21 15.51
CA ILE B 150 -10.02 11.92 15.42
C ILE B 150 -11.10 11.05 14.80
N ASN B 151 -12.10 10.63 15.59
CA ASN B 151 -13.27 9.98 15.04
C ASN B 151 -14.33 11.03 14.69
N VAL B 152 -15.44 10.58 14.09
CA VAL B 152 -16.33 11.45 13.30
C VAL B 152 -17.73 10.84 13.20
N LYS B 153 -18.74 11.72 13.06
CA LYS B 153 -20.17 11.35 12.85
C LYS B 153 -20.96 12.45 12.10
N GLU B 160 -29.71 10.54 13.46
CA GLU B 160 -28.37 9.99 13.61
C GLU B 160 -28.33 8.45 13.68
N ARG B 161 -28.85 7.75 12.65
CA ARG B 161 -28.84 6.29 12.56
C ARG B 161 -27.61 5.78 11.80
N GLN B 162 -26.84 4.88 12.42
CA GLN B 162 -25.56 4.40 11.87
C GLN B 162 -25.52 2.89 11.64
N ASN B 163 -26.58 2.36 11.03
CA ASN B 163 -26.72 0.96 10.68
C ASN B 163 -25.98 0.69 9.35
N GLY B 164 -24.64 0.78 9.41
CA GLY B 164 -23.75 0.33 8.34
C GLY B 164 -23.06 1.32 7.40
N VAL B 165 -21.80 1.66 7.69
CA VAL B 165 -20.96 2.61 6.95
C VAL B 165 -19.67 1.86 6.57
N LEU B 166 -18.72 2.59 5.97
CA LEU B 166 -17.34 2.11 5.86
C LEU B 166 -16.42 3.33 5.89
N ASN B 167 -15.14 3.05 6.05
CA ASN B 167 -14.17 4.11 6.33
C ASN B 167 -12.80 3.65 5.81
N SER B 168 -11.86 4.60 5.68
CA SER B 168 -10.53 4.34 5.10
C SER B 168 -9.56 5.49 5.45
N TRP B 169 -8.41 5.16 6.05
CA TRP B 169 -7.41 6.16 6.39
C TRP B 169 -6.25 6.08 5.41
N THR B 170 -5.63 7.22 5.14
CA THR B 170 -4.31 7.15 4.53
C THR B 170 -3.29 6.90 5.62
N ASP B 171 -2.19 6.27 5.22
CA ASP B 171 -0.99 6.36 6.02
C ASP B 171 -0.43 7.77 5.86
N GLN B 172 0.43 8.14 6.80
CA GLN B 172 0.84 9.54 6.90
C GLN B 172 1.47 9.99 5.60
N ASP B 173 1.13 11.20 5.18
CA ASP B 173 1.80 11.80 4.05
C ASP B 173 3.29 11.95 4.35
N SER B 174 4.11 11.49 3.42
CA SER B 174 5.55 11.68 3.57
C SER B 174 5.95 13.13 3.38
N LYS B 175 5.04 14.00 2.92
CA LYS B 175 5.35 15.40 2.68
C LYS B 175 4.98 16.27 3.87
N ASP B 176 3.70 16.30 4.27
CA ASP B 176 3.26 17.23 5.30
C ASP B 176 2.91 16.56 6.61
N SER B 177 3.23 15.28 6.77
CA SER B 177 3.04 14.59 8.04
C SER B 177 1.57 14.55 8.43
N THR B 178 0.68 14.57 7.42
CA THR B 178 -0.75 14.58 7.64
C THR B 178 -1.37 13.19 7.60
N TYR B 179 -2.68 13.14 7.81
CA TYR B 179 -3.49 11.98 7.50
C TYR B 179 -4.68 12.45 6.66
N SER B 180 -5.66 11.59 6.43
CA SER B 180 -6.82 11.94 5.62
C SER B 180 -7.78 10.77 5.68
N MET B 181 -9.08 11.07 5.58
CA MET B 181 -10.09 10.03 5.78
C MET B 181 -11.20 10.07 4.74
N SER B 182 -11.69 8.88 4.45
CA SER B 182 -12.81 8.54 3.58
C SER B 182 -14.06 8.29 4.40
N SER B 183 -15.19 8.12 3.71
CA SER B 183 -16.48 8.01 4.39
C SER B 183 -17.51 7.39 3.44
N THR B 184 -17.77 6.08 3.59
CA THR B 184 -18.72 5.39 2.69
C THR B 184 -20.03 5.22 3.45
N LEU B 185 -20.77 6.33 3.52
CA LEU B 185 -22.07 6.38 4.19
C LEU B 185 -23.14 5.72 3.31
N THR B 186 -23.00 4.40 3.10
CA THR B 186 -23.87 3.66 2.19
C THR B 186 -25.30 3.56 2.70
N LEU B 187 -26.25 3.41 1.78
CA LEU B 187 -27.70 3.34 2.06
C LEU B 187 -28.48 2.62 0.94
N THR B 188 -29.77 2.43 1.22
CA THR B 188 -30.76 2.10 0.19
C THR B 188 -31.10 3.37 -0.56
N LYS B 189 -31.35 3.25 -1.86
CA LYS B 189 -31.75 4.42 -2.61
C LYS B 189 -32.99 5.07 -1.99
N ASP B 190 -34.09 4.33 -1.91
CA ASP B 190 -35.35 4.92 -1.53
C ASP B 190 -35.38 5.35 -0.07
N GLU B 191 -34.76 4.56 0.83
CA GLU B 191 -34.55 5.02 2.21
C GLU B 191 -33.80 6.36 2.31
N TYR B 192 -33.04 6.74 1.27
CA TYR B 192 -32.35 8.03 1.25
C TYR B 192 -33.34 9.20 1.09
N GLU B 193 -34.54 8.93 0.58
CA GLU B 193 -35.58 9.96 0.50
C GLU B 193 -36.43 10.05 1.77
N ARG B 194 -36.55 8.93 2.51
CA ARG B 194 -37.25 8.90 3.79
C ARG B 194 -36.73 9.94 4.79
N HIS B 195 -35.53 10.49 4.56
CA HIS B 195 -35.02 11.64 5.32
C HIS B 195 -34.55 12.73 4.35
N ASN B 196 -34.38 13.95 4.89
CA ASN B 196 -33.98 15.15 4.15
C ASN B 196 -32.65 15.73 4.61
N SER B 197 -32.40 15.84 5.92
CA SER B 197 -31.30 16.65 6.43
C SER B 197 -30.06 15.79 6.74
N TYR B 198 -28.96 15.99 5.97
CA TYR B 198 -27.79 15.08 5.90
C TYR B 198 -26.45 15.70 6.28
N THR B 199 -25.88 15.24 7.41
CA THR B 199 -24.72 15.90 8.02
C THR B 199 -23.64 14.91 8.46
N CYS B 200 -22.39 15.30 8.21
CA CYS B 200 -21.20 14.70 8.80
C CYS B 200 -20.59 15.70 9.80
N GLU B 201 -19.89 15.21 10.84
CA GLU B 201 -19.27 16.10 11.81
C GLU B 201 -17.97 15.50 12.37
N ALA B 202 -16.96 16.35 12.60
CA ALA B 202 -15.65 15.96 13.11
C ALA B 202 -15.44 16.39 14.55
N THR B 203 -14.45 15.78 15.22
CA THR B 203 -14.12 16.11 16.60
C THR B 203 -12.63 15.86 16.79
N HIS B 204 -11.84 16.91 16.67
CA HIS B 204 -10.39 16.76 16.61
C HIS B 204 -9.80 16.87 18.01
N LYS B 205 -8.47 16.96 18.11
CA LYS B 205 -7.81 17.26 19.38
C LYS B 205 -7.82 18.77 19.65
N THR B 206 -7.70 19.59 18.61
CA THR B 206 -7.86 21.04 18.69
C THR B 206 -9.31 21.50 18.45
N SER B 207 -10.23 20.57 18.22
CA SER B 207 -11.64 20.87 17.90
C SER B 207 -12.53 20.45 19.06
N THR B 208 -12.64 21.35 20.05
CA THR B 208 -13.62 21.19 21.11
C THR B 208 -15.02 21.45 20.57
N SER B 209 -15.23 22.65 20.07
CA SER B 209 -16.36 22.93 19.21
C SER B 209 -16.13 22.27 17.85
N PRO B 210 -16.83 21.17 17.52
CA PRO B 210 -16.55 20.41 16.30
C PRO B 210 -16.68 21.23 15.02
N ILE B 211 -16.25 20.60 13.91
CA ILE B 211 -16.32 21.16 12.56
C ILE B 211 -17.35 20.36 11.75
N VAL B 212 -18.29 21.05 11.11
CA VAL B 212 -19.39 20.39 10.42
C VAL B 212 -19.46 20.84 8.97
N LYS B 213 -19.97 19.95 8.12
CA LYS B 213 -20.41 20.24 6.75
C LYS B 213 -21.75 19.53 6.54
N SER B 214 -22.71 20.23 5.93
CA SER B 214 -24.07 19.70 5.86
C SER B 214 -24.75 20.13 4.56
N PHE B 215 -25.94 19.57 4.35
CA PHE B 215 -26.83 19.91 3.26
C PHE B 215 -28.22 19.31 3.54
N ASN B 216 -29.17 19.65 2.67
CA ASN B 216 -30.46 18.98 2.55
C ASN B 216 -30.54 18.24 1.22
N ARG B 217 -31.20 17.10 1.26
CA ARG B 217 -31.53 16.34 0.07
C ARG B 217 -32.01 17.30 -0.99
N GLY B 218 -31.26 17.39 -2.11
CA GLY B 218 -31.51 18.40 -3.14
C GLY B 218 -32.85 18.22 -3.84
N GLU B 219 -33.55 17.15 -3.47
CA GLU B 219 -34.89 16.77 -3.94
C GLU B 219 -35.98 17.14 -2.91
N CYS B 220 -35.61 17.95 -1.88
CA CYS B 220 -36.54 18.75 -1.06
C CYS B 220 -35.86 19.70 -0.06
#